data_4J81
#
_entry.id   4J81
#
_cell.length_a   48.661
_cell.length_b   48.758
_cell.length_c   75.208
_cell.angle_alpha   89.75
_cell.angle_beta   89.63
_cell.angle_gamma   63.95
#
_symmetry.space_group_name_H-M   'P 1'
#
loop_
_entity.id
_entity.type
_entity.pdbx_description
1 polymer "Coatomer subunit beta'"
2 polymer 'Insulin-induced gene 1 protein'
3 water water
#
loop_
_entity_poly.entity_id
_entity_poly.type
_entity_poly.pdbx_seq_one_letter_code
_entity_poly.pdbx_strand_id
1 'polypeptide(L)'
;MKLDIKKTFSNRSDRVKGIDFHPTEPWVLTTLYSGRVEIWNYETQVEVRSIQVTETPVRAGKFIARKNWIIVGSDDFRIR
VFNYNTGEKVVDFEAHPDYIRSIAVHPTKPYVLSGSDDLTVKLWNWENNWALEQTFEGHEHFVMCVAFNPKDPSTFASGC
LDRTVKVWSLGQSTPNFTLTTGQERGVNYVDYYPLPDKPYMITASDDLTIKIWDYQTKSCVATLEGHMSNVSFAVFHPTL
PIIISGSEDGTLKIWNSSTYKVEKTLNVGLERSWCIATHPTGRKNYIASGFDNGFTVLSLG
;
A,B
2 'polypeptide(L)' KPHSD C,D
#
# COMPACT_ATOMS: atom_id res chain seq x y z
N LYS A 2 -0.54 27.31 -9.37
CA LYS A 2 0.28 28.46 -9.73
C LYS A 2 1.57 28.37 -8.94
N LEU A 3 2.71 28.58 -9.61
CA LEU A 3 4.01 28.45 -8.95
C LEU A 3 4.12 29.28 -7.67
N ASP A 4 4.75 30.44 -7.70
CA ASP A 4 4.84 31.27 -6.49
C ASP A 4 5.70 30.63 -5.39
N ILE A 5 7.00 30.54 -5.69
CA ILE A 5 7.98 29.96 -4.78
C ILE A 5 8.30 30.90 -3.62
N LYS A 6 8.17 30.38 -2.39
CA LYS A 6 8.49 31.17 -1.20
C LYS A 6 9.56 30.48 -0.39
N LYS A 7 10.48 31.25 0.16
CA LYS A 7 11.49 30.67 1.04
C LYS A 7 10.87 30.49 2.40
N THR A 8 10.70 29.25 2.84
CA THR A 8 10.16 29.07 4.18
C THR A 8 11.23 29.06 5.26
N PHE A 9 12.41 28.51 4.95
CA PHE A 9 13.52 28.54 5.90
C PHE A 9 14.84 28.17 5.25
N SER A 10 15.84 29.02 5.44
CA SER A 10 17.18 28.73 4.96
C SER A 10 18.17 29.08 6.07
N ASN A 11 19.20 28.25 6.23
CA ASN A 11 20.21 28.48 7.25
C ASN A 11 21.56 28.08 6.68
N ARG A 12 22.61 28.75 7.12
CA ARG A 12 23.94 28.39 6.66
C ARG A 12 24.57 27.31 7.53
N SER A 13 25.37 26.46 6.91
CA SER A 13 26.09 25.39 7.58
C SER A 13 27.25 24.95 6.71
N ASP A 14 28.03 24.00 7.21
CA ASP A 14 29.00 23.30 6.37
C ASP A 14 28.26 22.56 5.29
N ARG A 15 28.98 22.14 4.25
CA ARG A 15 28.39 21.51 3.08
C ARG A 15 27.36 20.43 3.41
N VAL A 16 26.15 20.57 2.85
CA VAL A 16 25.09 19.60 3.06
C VAL A 16 25.09 18.56 1.95
N LYS A 17 25.31 17.29 2.32
CA LYS A 17 25.42 16.20 1.35
C LYS A 17 24.17 15.33 1.26
N GLY A 18 23.39 15.29 2.34
CA GLY A 18 22.15 14.53 2.35
C GLY A 18 21.05 15.34 3.00
N ILE A 19 19.80 15.09 2.60
CA ILE A 19 18.68 15.86 3.13
C ILE A 19 17.40 15.02 3.04
N ASP A 20 16.49 15.17 4.01
CA ASP A 20 15.27 14.33 4.02
C ASP A 20 14.20 15.00 4.87
N PHE A 21 12.92 14.86 4.45
CA PHE A 21 11.80 15.39 5.22
C PHE A 21 11.22 14.31 6.11
N HIS A 22 10.83 14.68 7.33
CA HIS A 22 10.00 13.81 8.17
C HIS A 22 8.55 13.88 7.66
N PRO A 23 7.86 12.72 7.65
CA PRO A 23 6.52 12.68 7.03
C PRO A 23 5.39 13.30 7.85
N THR A 24 5.53 13.38 9.17
CA THR A 24 4.43 13.89 10.00
C THR A 24 4.81 15.06 10.89
N GLU A 25 6.10 15.23 11.13
CA GLU A 25 6.60 16.38 11.86
C GLU A 25 7.23 17.34 10.86
N PRO A 26 7.12 18.66 11.12
CA PRO A 26 7.68 19.68 10.23
C PRO A 26 9.20 19.77 10.36
N TRP A 27 9.87 18.66 10.08
CA TRP A 27 11.32 18.57 10.27
C TRP A 27 12.06 18.24 8.98
N VAL A 28 13.26 18.78 8.85
CA VAL A 28 14.18 18.34 7.80
C VAL A 28 15.47 17.89 8.45
N LEU A 29 16.03 16.78 7.97
CA LEU A 29 17.33 16.29 8.41
C LEU A 29 18.35 16.71 7.36
N THR A 30 19.49 17.23 7.81
CA THR A 30 20.64 17.47 6.92
C THR A 30 21.84 16.66 7.42
N THR A 31 22.64 16.14 6.50
CA THR A 31 23.87 15.47 6.89
C THR A 31 25.00 16.17 6.19
N LEU A 32 26.07 16.47 6.94
CA LEU A 32 27.07 17.44 6.49
C LEU A 32 28.42 16.81 6.19
N TYR A 33 29.20 17.51 5.37
CA TYR A 33 30.54 17.08 4.99
C TYR A 33 31.48 17.04 6.21
N SER A 34 31.08 17.75 7.26
CA SER A 34 31.89 17.89 8.48
C SER A 34 31.68 16.76 9.48
N GLY A 35 30.75 15.86 9.19
CA GLY A 35 30.48 14.72 10.07
C GLY A 35 29.35 14.99 11.02
N ARG A 36 28.78 16.20 10.94
CA ARG A 36 27.64 16.61 11.73
C ARG A 36 26.32 16.31 11.00
N VAL A 37 25.27 16.00 11.75
CA VAL A 37 23.91 15.94 11.20
C VAL A 37 23.00 16.84 12.03
N GLU A 38 22.01 17.45 11.38
CA GLU A 38 21.11 18.38 12.06
C GLU A 38 19.67 18.06 11.72
N ILE A 39 18.78 18.13 12.71
CA ILE A 39 17.35 18.05 12.39
C ILE A 39 16.72 19.37 12.77
N TRP A 40 16.14 20.06 11.79
CA TRP A 40 15.54 21.37 12.00
C TRP A 40 14.03 21.31 11.91
N ASN A 41 13.34 22.02 12.79
CA ASN A 41 11.93 22.33 12.58
C ASN A 41 11.90 23.58 11.70
N TYR A 42 11.48 23.43 10.44
CA TYR A 42 11.57 24.53 9.48
C TYR A 42 10.41 25.53 9.61
N GLU A 43 9.44 25.21 10.44
CA GLU A 43 8.35 26.14 10.69
C GLU A 43 8.62 27.06 11.89
N THR A 44 9.20 26.50 12.96
CA THR A 44 9.60 27.31 14.11
C THR A 44 11.04 27.82 13.99
N GLN A 45 11.80 27.19 13.09
CA GLN A 45 13.19 27.54 12.84
C GLN A 45 14.08 27.32 14.07
N VAL A 46 13.88 26.18 14.71
CA VAL A 46 14.67 25.77 15.87
C VAL A 46 15.15 24.34 15.66
N GLU A 47 16.38 24.05 16.08
CA GLU A 47 16.91 22.71 15.96
C GLU A 47 16.19 21.77 16.91
N VAL A 48 15.76 20.61 16.42
CA VAL A 48 15.16 19.63 17.31
C VAL A 48 16.25 18.75 17.90
N ARG A 49 17.28 18.49 17.11
CA ARG A 49 18.33 17.55 17.51
C ARG A 49 19.51 17.66 16.56
N SER A 50 20.73 17.61 17.10
CA SER A 50 21.90 17.54 16.24
C SER A 50 22.95 16.67 16.92
N ILE A 51 23.80 16.07 16.10
CA ILE A 51 24.79 15.08 16.54
C ILE A 51 26.08 15.25 15.77
N GLN A 52 27.21 15.27 16.47
CA GLN A 52 28.48 15.13 15.76
C GLN A 52 28.75 13.63 15.63
N VAL A 53 28.43 13.07 14.45
CA VAL A 53 28.42 11.63 14.25
C VAL A 53 29.84 11.08 14.07
N THR A 54 30.64 11.81 13.32
CA THR A 54 31.97 11.34 12.95
C THR A 54 32.79 12.54 12.54
N GLU A 55 34.06 12.34 12.19
CA GLU A 55 34.87 13.44 11.66
C GLU A 55 34.89 13.46 10.12
N THR A 56 34.31 12.43 9.51
CA THR A 56 34.32 12.29 8.05
C THR A 56 32.99 12.74 7.45
N PRO A 57 32.95 12.96 6.13
CA PRO A 57 31.66 13.33 5.54
C PRO A 57 30.55 12.31 5.78
N VAL A 58 29.35 12.81 6.08
CA VAL A 58 28.16 11.96 6.11
C VAL A 58 27.36 12.24 4.85
N ARG A 59 27.50 11.39 3.84
CA ARG A 59 26.86 11.67 2.55
C ARG A 59 25.41 11.26 2.44
N ALA A 60 24.94 10.43 3.37
CA ALA A 60 23.61 9.84 3.23
C ALA A 60 22.89 9.86 4.56
N GLY A 61 21.60 10.20 4.51
CA GLY A 61 20.79 10.22 5.72
C GLY A 61 19.31 10.21 5.40
N LYS A 62 18.58 9.39 6.16
CA LYS A 62 17.13 9.27 5.98
C LYS A 62 16.47 9.12 7.34
N PHE A 63 15.24 9.61 7.44
CA PHE A 63 14.40 9.27 8.57
C PHE A 63 13.87 7.85 8.38
N ILE A 64 13.73 7.13 9.49
CA ILE A 64 12.89 5.94 9.53
C ILE A 64 11.82 6.26 10.54
N ALA A 65 10.78 6.95 10.09
CA ALA A 65 9.80 7.55 10.98
C ALA A 65 9.05 6.54 11.84
N ARG A 66 8.76 5.36 11.28
CA ARG A 66 8.00 4.37 12.04
C ARG A 66 8.77 3.77 13.20
N LYS A 67 10.07 4.03 13.25
CA LYS A 67 10.92 3.52 14.33
C LYS A 67 11.49 4.65 15.18
N ASN A 68 11.17 5.90 14.81
CA ASN A 68 11.71 7.09 15.47
C ASN A 68 13.23 7.19 15.33
N TRP A 69 13.74 6.79 14.17
CA TRP A 69 15.17 6.78 13.92
C TRP A 69 15.58 7.71 12.78
N ILE A 70 16.86 8.08 12.78
CA ILE A 70 17.53 8.45 11.54
C ILE A 70 18.60 7.42 11.26
N ILE A 71 18.88 7.21 9.98
CA ILE A 71 19.97 6.31 9.58
C ILE A 71 20.93 7.12 8.72
N VAL A 72 22.22 7.05 9.05
CA VAL A 72 23.21 7.80 8.28
C VAL A 72 24.40 6.94 7.83
N GLY A 73 25.04 7.34 6.74
CA GLY A 73 26.20 6.62 6.23
C GLY A 73 27.33 7.58 5.94
N SER A 74 28.57 7.19 6.26
CA SER A 74 29.69 8.14 6.17
C SER A 74 30.94 7.56 5.49
N ASP A 75 31.90 8.43 5.21
CA ASP A 75 33.11 8.07 4.49
C ASP A 75 34.03 7.21 5.35
N ASP A 76 33.70 7.09 6.63
CA ASP A 76 34.49 6.20 7.50
C ASP A 76 34.02 4.75 7.40
N PHE A 77 33.12 4.50 6.44
CA PHE A 77 32.65 3.16 6.03
C PHE A 77 31.47 2.66 6.86
N ARG A 78 30.95 3.51 7.74
CA ARG A 78 30.01 3.04 8.75
C ARG A 78 28.59 3.49 8.51
N ILE A 79 27.65 2.59 8.84
CA ILE A 79 26.25 2.96 8.95
C ILE A 79 25.95 3.12 10.44
N ARG A 80 25.31 4.24 10.80
CA ARG A 80 24.88 4.46 12.18
C ARG A 80 23.41 4.81 12.23
N VAL A 81 22.75 4.39 13.30
CA VAL A 81 21.32 4.67 13.46
C VAL A 81 21.14 5.33 14.81
N PHE A 82 20.41 6.44 14.84
CA PHE A 82 20.17 7.14 16.11
C PHE A 82 18.68 7.33 16.33
N ASN A 83 18.24 7.24 17.59
CA ASN A 83 16.87 7.62 17.94
C ASN A 83 16.79 9.15 18.00
N TYR A 84 15.89 9.75 17.24
CA TYR A 84 15.87 11.22 17.20
C TYR A 84 15.15 11.86 18.40
N ASN A 85 14.49 11.06 19.22
CA ASN A 85 13.84 11.60 20.41
C ASN A 85 14.82 11.79 21.58
N THR A 86 15.85 10.94 21.63
CA THR A 86 16.80 10.93 22.74
C THR A 86 18.24 11.20 22.31
N GLY A 87 18.52 10.99 21.03
CA GLY A 87 19.88 11.15 20.52
C GLY A 87 20.73 9.90 20.71
N GLU A 88 20.15 8.87 21.33
CA GLU A 88 20.91 7.64 21.59
C GLU A 88 21.26 6.86 20.33
N LYS A 89 22.49 6.37 20.28
CA LYS A 89 22.93 5.56 19.14
C LYS A 89 22.35 4.16 19.27
N VAL A 90 21.67 3.72 18.21
CA VAL A 90 20.98 2.42 18.19
C VAL A 90 21.88 1.30 17.69
N VAL A 91 22.59 1.56 16.60
CA VAL A 91 23.53 0.59 16.05
C VAL A 91 24.64 1.35 15.34
N ASP A 92 25.80 0.71 15.18
CA ASP A 92 26.97 1.33 14.55
C ASP A 92 27.81 0.19 13.96
N PHE A 93 27.82 0.07 12.63
CA PHE A 93 28.54 -1.02 11.99
C PHE A 93 29.29 -0.64 10.71
N GLU A 94 30.38 -1.33 10.43
CA GLU A 94 31.02 -1.15 9.12
C GLU A 94 30.19 -1.82 8.03
N ALA A 95 29.73 -1.03 7.07
CA ALA A 95 28.84 -1.50 6.01
C ALA A 95 29.59 -1.88 4.72
N HIS A 96 30.60 -1.08 4.37
CA HIS A 96 31.36 -1.26 3.13
C HIS A 96 32.81 -0.90 3.39
N PRO A 97 33.76 -1.44 2.59
CA PRO A 97 35.15 -1.01 2.77
C PRO A 97 35.50 0.26 1.98
N ASP A 98 34.50 1.11 1.73
CA ASP A 98 34.72 2.36 0.99
C ASP A 98 33.53 3.28 1.25
N TYR A 99 33.56 4.47 0.66
CA TYR A 99 32.56 5.51 0.98
C TYR A 99 31.13 5.02 0.77
N ILE A 100 30.21 5.47 1.62
CA ILE A 100 28.80 5.19 1.41
C ILE A 100 28.18 6.42 0.72
N ARG A 101 27.51 6.22 -0.41
CA ARG A 101 26.99 7.35 -1.19
C ARG A 101 25.52 7.61 -0.98
N SER A 102 24.76 6.56 -0.68
CA SER A 102 23.30 6.66 -0.74
C SER A 102 22.67 5.58 0.10
N ILE A 103 21.57 5.95 0.77
CA ILE A 103 20.80 5.02 1.60
C ILE A 103 19.32 5.13 1.23
N ALA A 104 18.64 4.00 1.08
CA ALA A 104 17.20 3.99 0.82
C ALA A 104 16.51 3.11 1.84
N VAL A 105 15.32 3.52 2.30
CA VAL A 105 14.57 2.77 3.32
C VAL A 105 13.29 2.18 2.72
N HIS A 106 13.06 0.88 2.93
CA HIS A 106 11.88 0.23 2.38
C HIS A 106 10.63 0.80 3.08
N PRO A 107 9.54 0.99 2.32
CA PRO A 107 8.35 1.60 2.90
C PRO A 107 7.61 0.73 3.92
N THR A 108 7.71 -0.59 3.83
CA THR A 108 6.89 -1.47 4.67
C THR A 108 7.64 -2.62 5.37
N LYS A 109 8.78 -3.00 4.81
CA LYS A 109 9.61 -4.05 5.38
C LYS A 109 10.83 -3.45 6.09
N PRO A 110 11.42 -4.17 7.05
CA PRO A 110 12.53 -3.59 7.81
C PRO A 110 13.86 -3.68 7.07
N TYR A 111 13.90 -3.14 5.85
CA TYR A 111 15.07 -3.23 4.98
C TYR A 111 15.65 -1.85 4.68
N VAL A 112 16.97 -1.77 4.65
CA VAL A 112 17.67 -0.57 4.19
C VAL A 112 18.65 -0.98 3.11
N LEU A 113 18.78 -0.17 2.06
CA LEU A 113 19.80 -0.40 1.03
C LEU A 113 20.89 0.65 1.19
N SER A 114 22.14 0.25 1.00
CA SER A 114 23.25 1.21 0.97
C SER A 114 24.02 1.01 -0.33
N GLY A 115 24.34 2.11 -1.00
CA GLY A 115 25.16 2.06 -2.20
C GLY A 115 26.53 2.66 -1.93
N SER A 116 27.58 2.07 -2.51
CA SER A 116 28.94 2.39 -2.09
C SER A 116 29.95 2.51 -3.23
N ASP A 117 31.08 3.16 -2.94
CA ASP A 117 32.19 3.22 -3.86
C ASP A 117 32.82 1.83 -4.04
N ASP A 118 32.43 0.88 -3.20
CA ASP A 118 32.93 -0.49 -3.31
C ASP A 118 32.27 -1.29 -4.45
N LEU A 119 31.47 -0.58 -5.25
CA LEU A 119 30.79 -1.12 -6.45
C LEU A 119 29.52 -1.92 -6.18
N THR A 120 29.07 -1.93 -4.92
CA THR A 120 27.92 -2.76 -4.56
C THR A 120 26.76 -1.98 -3.96
N VAL A 121 25.60 -2.63 -3.92
CA VAL A 121 24.50 -2.20 -3.06
C VAL A 121 24.31 -3.34 -2.06
N LYS A 122 24.07 -2.99 -0.80
CA LYS A 122 23.86 -4.01 0.23
C LYS A 122 22.52 -3.80 0.90
N LEU A 123 21.89 -4.91 1.28
CA LEU A 123 20.59 -4.91 1.91
C LEU A 123 20.74 -5.36 3.36
N TRP A 124 20.26 -4.53 4.30
CA TRP A 124 20.38 -4.81 5.73
C TRP A 124 18.99 -4.96 6.34
N ASN A 125 18.84 -5.90 7.28
CA ASN A 125 17.53 -6.21 7.86
C ASN A 125 17.52 -5.88 9.33
N TRP A 126 16.83 -4.80 9.72
CA TRP A 126 16.88 -4.40 11.13
C TRP A 126 16.12 -5.31 12.09
N GLU A 127 15.27 -6.19 11.55
CA GLU A 127 14.58 -7.17 12.40
C GLU A 127 15.35 -8.48 12.47
N ASN A 128 16.53 -8.50 11.86
CA ASN A 128 17.46 -9.62 11.96
C ASN A 128 18.82 -9.08 12.42
N ASN A 129 18.80 -8.23 13.45
CA ASN A 129 20.01 -7.66 14.03
C ASN A 129 20.89 -6.90 13.05
N TRP A 130 20.27 -6.28 12.05
CA TRP A 130 21.00 -5.51 11.04
C TRP A 130 21.94 -6.40 10.22
N ALA A 131 21.58 -7.67 10.10
CA ALA A 131 22.35 -8.61 9.31
C ALA A 131 22.41 -8.18 7.85
N LEU A 132 23.55 -8.43 7.21
CA LEU A 132 23.65 -8.31 5.77
C LEU A 132 22.87 -9.45 5.15
N GLU A 133 21.78 -9.14 4.48
CA GLU A 133 21.00 -10.21 3.86
C GLU A 133 21.28 -10.44 2.38
N GLN A 134 21.79 -9.41 1.70
CA GLN A 134 22.13 -9.58 0.30
C GLN A 134 23.12 -8.51 -0.17
N THR A 135 24.01 -8.90 -1.08
CA THR A 135 24.90 -7.96 -1.75
C THR A 135 24.65 -8.03 -3.25
N PHE A 136 24.40 -6.87 -3.87
CA PHE A 136 24.08 -6.80 -5.30
C PHE A 136 25.32 -6.39 -6.05
N GLU A 137 25.89 -7.31 -6.82
CA GLU A 137 27.14 -7.08 -7.52
C GLU A 137 26.89 -7.00 -9.00
N GLY A 138 27.67 -6.17 -9.70
CA GLY A 138 27.53 -6.04 -11.14
C GLY A 138 27.99 -4.70 -11.67
N HIS A 139 27.81 -3.66 -10.89
CA HIS A 139 28.26 -2.33 -11.29
C HIS A 139 29.78 -2.29 -11.35
N GLU A 140 30.31 -1.36 -12.14
CA GLU A 140 31.75 -1.33 -12.40
C GLU A 140 32.40 -0.03 -11.98
N HIS A 141 31.64 0.80 -11.27
CA HIS A 141 32.18 2.04 -10.72
C HIS A 141 31.33 2.38 -9.50
N PHE A 142 31.56 3.55 -8.91
CA PHE A 142 30.89 3.93 -7.66
C PHE A 142 29.37 3.93 -7.83
N VAL A 143 28.66 3.31 -6.88
CA VAL A 143 27.20 3.38 -6.87
C VAL A 143 26.79 4.66 -6.15
N MET A 144 26.24 5.60 -6.90
CA MET A 144 26.01 6.97 -6.40
C MET A 144 24.63 7.15 -5.78
N CYS A 145 23.69 6.30 -6.16
CA CYS A 145 22.30 6.53 -5.78
C CYS A 145 21.51 5.24 -5.80
N VAL A 146 20.71 5.00 -4.76
CA VAL A 146 19.81 3.86 -4.74
C VAL A 146 18.43 4.33 -4.36
N ALA A 147 17.41 3.72 -4.98
CA ALA A 147 16.03 4.16 -4.75
C ALA A 147 15.05 3.01 -5.01
N PHE A 148 14.15 2.76 -4.07
CA PHE A 148 13.08 1.78 -4.29
C PHE A 148 12.06 2.29 -5.28
N ASN A 149 11.48 1.38 -6.06
CA ASN A 149 10.32 1.75 -6.86
C ASN A 149 9.12 1.89 -5.91
N PRO A 150 8.57 3.11 -5.79
CA PRO A 150 7.49 3.27 -4.79
C PRO A 150 6.24 2.48 -5.16
N LYS A 151 6.06 2.17 -6.44
CA LYS A 151 4.91 1.40 -6.90
C LYS A 151 5.14 -0.11 -6.78
N ASP A 152 6.39 -0.51 -6.55
CA ASP A 152 6.74 -1.90 -6.35
C ASP A 152 8.10 -1.98 -5.67
N PRO A 153 8.11 -1.89 -4.34
CA PRO A 153 9.36 -1.83 -3.59
C PRO A 153 10.03 -3.19 -3.39
N SER A 154 9.58 -4.21 -4.10
CA SER A 154 10.36 -5.44 -4.20
C SER A 154 11.45 -5.23 -5.25
N THR A 155 11.38 -4.10 -5.95
CA THR A 155 12.43 -3.70 -6.88
C THR A 155 13.02 -2.34 -6.52
N PHE A 156 14.24 -2.10 -6.97
CA PHE A 156 14.93 -0.84 -6.74
C PHE A 156 15.93 -0.57 -7.84
N ALA A 157 16.31 0.71 -7.99
CA ALA A 157 17.25 1.13 -9.01
C ALA A 157 18.54 1.63 -8.37
N SER A 158 19.67 1.34 -9.01
CA SER A 158 20.95 1.90 -8.63
C SER A 158 21.53 2.68 -9.80
N GLY A 159 22.04 3.89 -9.54
CA GLY A 159 22.66 4.71 -10.57
C GLY A 159 24.15 4.78 -10.29
N CYS A 160 24.96 4.70 -11.33
CA CYS A 160 26.38 4.42 -11.16
C CYS A 160 27.25 5.23 -12.09
N LEU A 161 28.47 5.55 -11.65
CA LEU A 161 29.40 6.27 -12.51
C LEU A 161 29.85 5.42 -13.68
N ASP A 162 29.45 4.15 -13.71
CA ASP A 162 29.76 3.29 -14.85
C ASP A 162 28.81 3.54 -16.02
N ARG A 163 28.02 4.62 -15.89
CA ARG A 163 27.11 5.10 -16.92
C ARG A 163 25.83 4.28 -17.06
N THR A 164 25.55 3.41 -16.10
CA THR A 164 24.33 2.60 -16.20
C THR A 164 23.41 2.83 -15.01
N VAL A 165 22.14 2.51 -15.20
CA VAL A 165 21.20 2.28 -14.11
C VAL A 165 20.88 0.79 -14.13
N LYS A 166 20.96 0.14 -12.97
CA LYS A 166 20.52 -1.25 -12.91
C LYS A 166 19.29 -1.37 -12.03
N VAL A 167 18.32 -2.17 -12.45
CA VAL A 167 17.11 -2.37 -11.66
C VAL A 167 17.09 -3.81 -11.20
N TRP A 168 16.86 -4.01 -9.90
CA TRP A 168 17.05 -5.30 -9.24
C TRP A 168 15.79 -5.73 -8.52
N SER A 169 15.63 -7.04 -8.30
CA SER A 169 14.58 -7.56 -7.42
C SER A 169 15.22 -8.08 -6.14
N LEU A 170 14.60 -7.78 -5.00
CA LEU A 170 15.05 -8.34 -3.73
C LEU A 170 15.00 -9.85 -3.82
N GLY A 171 16.07 -10.51 -3.38
CA GLY A 171 16.13 -11.96 -3.43
C GLY A 171 16.71 -12.51 -4.71
N GLN A 172 17.11 -11.65 -5.65
CA GLN A 172 17.71 -12.10 -6.91
C GLN A 172 19.05 -11.41 -7.13
N SER A 173 20.02 -12.17 -7.64
CA SER A 173 21.42 -11.72 -7.64
C SER A 173 21.85 -10.91 -8.87
N THR A 174 21.05 -10.97 -9.93
CA THR A 174 21.38 -10.22 -11.14
C THR A 174 20.29 -9.19 -11.46
N PRO A 175 20.66 -8.13 -12.18
CA PRO A 175 19.65 -7.12 -12.51
C PRO A 175 18.53 -7.68 -13.40
N ASN A 176 17.31 -7.21 -13.15
CA ASN A 176 16.20 -7.47 -14.05
C ASN A 176 16.54 -6.90 -15.42
N PHE A 177 17.19 -5.73 -15.41
CA PHE A 177 17.71 -5.12 -16.63
C PHE A 177 18.76 -4.05 -16.29
N THR A 178 19.63 -3.77 -17.25
CA THR A 178 20.60 -2.69 -17.13
C THR A 178 20.29 -1.64 -18.18
N LEU A 179 20.17 -0.39 -17.75
CA LEU A 179 19.85 0.71 -18.64
C LEU A 179 21.15 1.37 -19.08
N THR A 180 21.44 1.35 -20.38
CA THR A 180 22.63 2.04 -20.89
C THR A 180 22.23 3.49 -21.20
N THR A 181 22.64 4.42 -20.34
CA THR A 181 22.08 5.78 -20.40
C THR A 181 22.61 6.68 -21.50
N GLY A 182 23.82 6.41 -21.98
CA GLY A 182 24.46 7.33 -22.92
C GLY A 182 24.95 8.59 -22.22
N GLN A 183 24.94 8.59 -20.89
CA GLN A 183 25.47 9.72 -20.15
C GLN A 183 26.91 9.38 -19.77
N GLU A 184 27.84 9.77 -20.64
CA GLU A 184 29.17 9.17 -20.68
C GLU A 184 30.07 9.53 -19.51
N ARG A 185 29.64 10.48 -18.69
CA ARG A 185 30.42 10.87 -17.53
C ARG A 185 29.81 10.30 -16.25
N GLY A 186 28.84 9.40 -16.42
CA GLY A 186 28.27 8.67 -15.31
C GLY A 186 26.86 9.07 -14.94
N VAL A 187 26.26 8.30 -14.04
CA VAL A 187 24.96 8.64 -13.47
C VAL A 187 25.15 8.98 -12.00
N ASN A 188 24.76 10.20 -11.61
CA ASN A 188 24.86 10.65 -10.23
C ASN A 188 23.62 10.37 -9.40
N TYR A 189 22.48 10.19 -10.06
CA TYR A 189 21.20 10.15 -9.35
C TYR A 189 20.19 9.44 -10.21
N VAL A 190 19.27 8.73 -9.56
CA VAL A 190 18.15 8.08 -10.25
C VAL A 190 16.95 8.17 -9.34
N ASP A 191 15.77 8.40 -9.92
CA ASP A 191 14.55 8.62 -9.16
C ASP A 191 13.41 8.02 -9.99
N TYR A 192 12.35 7.61 -9.29
CA TYR A 192 11.15 7.11 -9.96
C TYR A 192 10.04 8.16 -9.94
N TYR A 193 9.28 8.24 -11.03
CA TYR A 193 7.99 8.93 -11.01
C TYR A 193 7.05 8.10 -10.13
N PRO A 194 6.40 8.73 -9.14
CA PRO A 194 5.68 7.94 -8.13
C PRO A 194 4.25 7.55 -8.50
N LEU A 195 3.68 8.17 -9.52
CA LEU A 195 2.28 7.92 -9.88
C LEU A 195 2.10 6.80 -10.92
N PRO A 196 0.91 6.14 -10.92
CA PRO A 196 0.72 4.93 -11.73
C PRO A 196 0.58 5.14 -13.23
N ASP A 197 0.44 6.38 -13.68
CA ASP A 197 0.14 6.60 -15.10
C ASP A 197 1.36 6.52 -16.04
N LYS A 198 2.58 6.63 -15.50
CA LYS A 198 3.78 6.49 -16.33
C LYS A 198 4.83 5.64 -15.64
N PRO A 199 5.45 4.71 -16.39
CA PRO A 199 6.56 3.89 -15.88
C PRO A 199 7.88 4.63 -16.09
N TYR A 200 8.03 5.78 -15.42
CA TYR A 200 9.17 6.65 -15.67
C TYR A 200 10.26 6.64 -14.59
N MET A 201 11.50 6.75 -15.03
CA MET A 201 12.63 6.99 -14.14
C MET A 201 13.36 8.20 -14.69
N ILE A 202 14.22 8.80 -13.88
CA ILE A 202 14.94 9.98 -14.33
C ILE A 202 16.38 9.92 -13.81
N THR A 203 17.35 10.26 -14.67
CA THR A 203 18.76 10.19 -14.31
C THR A 203 19.47 11.53 -14.51
N ALA A 204 20.43 11.82 -13.63
CA ALA A 204 21.20 13.06 -13.69
C ALA A 204 22.69 12.75 -13.84
N SER A 205 23.42 13.57 -14.59
CA SER A 205 24.81 13.26 -14.94
C SER A 205 25.79 14.43 -14.89
N ASP A 206 27.07 14.12 -14.68
CA ASP A 206 28.17 15.07 -14.88
C ASP A 206 28.28 15.54 -16.34
N ASP A 207 27.58 14.90 -17.27
CA ASP A 207 27.65 15.33 -18.66
C ASP A 207 26.68 16.47 -18.94
N LEU A 208 26.06 16.97 -17.86
CA LEU A 208 25.22 18.18 -17.85
C LEU A 208 23.79 17.92 -18.31
N THR A 209 23.45 16.66 -18.56
CA THR A 209 22.10 16.30 -19.01
C THR A 209 21.27 15.60 -17.94
N ILE A 210 19.96 15.68 -18.10
CA ILE A 210 19.00 14.92 -17.31
C ILE A 210 18.19 14.10 -18.33
N LYS A 211 17.98 12.83 -18.07
CA LYS A 211 17.21 12.01 -19.01
C LYS A 211 16.03 11.31 -18.37
N ILE A 212 14.93 11.21 -19.11
CA ILE A 212 13.72 10.52 -18.65
C ILE A 212 13.62 9.19 -19.37
N TRP A 213 13.29 8.13 -18.64
CA TRP A 213 13.24 6.79 -19.20
C TRP A 213 11.90 6.12 -18.97
N ASP A 214 11.44 5.36 -19.97
CA ASP A 214 10.32 4.44 -19.79
C ASP A 214 10.94 3.11 -19.40
N TYR A 215 10.65 2.61 -18.20
CA TYR A 215 11.30 1.38 -17.74
C TYR A 215 10.70 0.08 -18.28
N GLN A 216 9.57 0.18 -18.96
CA GLN A 216 8.98 -0.97 -19.65
C GLN A 216 9.72 -1.24 -20.96
N THR A 217 9.92 -0.20 -21.76
CA THR A 217 10.55 -0.32 -23.08
C THR A 217 12.05 -0.03 -23.06
N LYS A 218 12.51 0.56 -21.96
CA LYS A 218 13.91 0.97 -21.78
C LYS A 218 14.32 2.15 -22.68
N SER A 219 13.34 2.89 -23.17
CA SER A 219 13.60 3.99 -24.09
C SER A 219 13.80 5.33 -23.38
N CYS A 220 14.66 6.17 -23.95
CA CYS A 220 14.77 7.56 -23.48
C CYS A 220 13.62 8.39 -24.04
N VAL A 221 12.81 8.93 -23.13
CA VAL A 221 11.65 9.74 -23.49
C VAL A 221 12.06 11.16 -23.82
N ALA A 222 13.00 11.69 -23.05
CA ALA A 222 13.43 13.09 -23.22
C ALA A 222 14.79 13.33 -22.58
N THR A 223 15.47 14.35 -23.06
CA THR A 223 16.73 14.82 -22.48
C THR A 223 16.58 16.28 -22.15
N LEU A 224 16.82 16.62 -20.89
CA LEU A 224 16.66 17.98 -20.41
C LEU A 224 18.02 18.66 -20.33
N GLU A 225 18.21 19.73 -21.11
CA GLU A 225 19.47 20.48 -21.10
C GLU A 225 19.28 21.89 -20.58
N GLY A 226 20.30 22.43 -19.93
CA GLY A 226 20.23 23.78 -19.39
C GLY A 226 21.24 24.04 -18.30
N HIS A 227 21.55 23.02 -17.50
CA HIS A 227 22.58 23.18 -16.49
C HIS A 227 23.95 23.35 -17.13
N MET A 228 24.84 24.06 -16.44
CA MET A 228 26.14 24.41 -16.99
C MET A 228 27.29 23.72 -16.27
N SER A 229 26.97 22.98 -15.21
CA SER A 229 27.95 22.18 -14.49
C SER A 229 27.28 20.88 -14.04
N ASN A 230 28.04 19.99 -13.42
CA ASN A 230 27.53 18.67 -13.03
C ASN A 230 26.13 18.73 -12.44
N VAL A 231 25.23 17.88 -12.94
CA VAL A 231 23.90 17.82 -12.35
C VAL A 231 23.92 16.82 -11.20
N SER A 232 23.61 17.30 -10.00
CA SER A 232 23.72 16.48 -8.79
C SER A 232 22.52 15.57 -8.60
N PHE A 233 21.34 16.06 -8.99
CA PHE A 233 20.11 15.30 -8.81
C PHE A 233 19.04 15.81 -9.76
N ALA A 234 18.04 14.98 -9.97
CA ALA A 234 16.83 15.38 -10.68
C ALA A 234 15.74 14.45 -10.19
N VAL A 235 14.60 15.03 -9.81
CA VAL A 235 13.49 14.24 -9.26
C VAL A 235 12.14 14.68 -9.79
N PHE A 236 11.19 13.75 -9.83
CA PHE A 236 9.81 14.11 -10.11
C PHE A 236 9.16 14.61 -8.83
N HIS A 237 8.40 15.69 -8.90
CA HIS A 237 7.64 16.08 -7.73
C HIS A 237 6.49 15.10 -7.58
N PRO A 238 6.18 14.70 -6.33
CA PRO A 238 5.14 13.68 -6.09
C PRO A 238 3.69 14.12 -6.38
N THR A 239 3.41 15.42 -6.38
CA THR A 239 2.04 15.90 -6.63
C THR A 239 1.92 16.92 -7.78
N LEU A 240 2.94 17.74 -7.97
CA LEU A 240 2.93 18.77 -9.02
C LEU A 240 3.53 18.23 -10.30
N PRO A 241 3.06 18.70 -11.47
CA PRO A 241 3.57 18.24 -12.76
C PRO A 241 4.89 18.91 -13.09
N ILE A 242 5.88 18.71 -12.24
CA ILE A 242 7.19 19.31 -12.45
C ILE A 242 8.32 18.35 -12.11
N ILE A 243 9.49 18.63 -12.67
CA ILE A 243 10.73 17.95 -12.32
C ILE A 243 11.62 19.00 -11.65
N ILE A 244 12.38 18.61 -10.63
CA ILE A 244 13.27 19.55 -9.96
C ILE A 244 14.68 19.02 -10.03
N SER A 245 15.62 19.85 -10.46
CA SER A 245 17.02 19.45 -10.53
C SER A 245 17.91 20.48 -9.84
N GLY A 246 19.15 20.08 -9.55
CA GLY A 246 20.10 20.96 -8.89
C GLY A 246 21.50 20.59 -9.37
N SER A 247 22.39 21.58 -9.37
CA SER A 247 23.66 21.45 -10.06
C SER A 247 24.79 22.15 -9.33
N GLU A 248 26.02 21.74 -9.64
CA GLU A 248 27.19 22.44 -9.14
C GLU A 248 27.33 23.81 -9.79
N ASP A 249 26.41 24.14 -10.72
CA ASP A 249 26.35 25.50 -11.24
C ASP A 249 25.64 26.44 -10.27
N GLY A 250 25.20 25.89 -9.14
CA GLY A 250 24.60 26.67 -8.07
C GLY A 250 23.10 26.91 -8.19
N THR A 251 22.48 26.33 -9.21
CA THR A 251 21.06 26.60 -9.44
C THR A 251 20.19 25.40 -9.14
N LEU A 252 18.93 25.70 -8.83
CA LEU A 252 17.87 24.70 -8.91
C LEU A 252 17.08 25.05 -10.14
N LYS A 253 16.60 24.03 -10.86
CA LYS A 253 15.74 24.30 -12.00
C LYS A 253 14.44 23.53 -11.84
N ILE A 254 13.34 24.20 -12.15
CA ILE A 254 12.02 23.59 -12.17
C ILE A 254 11.60 23.41 -13.62
N TRP A 255 11.30 22.17 -14.00
CA TRP A 255 10.95 21.86 -15.38
C TRP A 255 9.49 21.40 -15.47
N ASN A 256 8.81 21.78 -16.54
CA ASN A 256 7.47 21.29 -16.83
C ASN A 256 7.58 19.81 -17.19
N SER A 257 6.88 18.94 -16.44
CA SER A 257 7.01 17.51 -16.68
C SER A 257 6.21 16.99 -17.88
N SER A 258 5.46 17.87 -18.53
CA SER A 258 4.75 17.52 -19.77
C SER A 258 5.54 17.92 -21.02
N THR A 259 6.02 19.15 -21.05
CA THR A 259 6.75 19.68 -22.20
C THR A 259 8.25 19.50 -22.07
N TYR A 260 8.71 19.26 -20.84
CA TYR A 260 10.14 19.12 -20.52
C TYR A 260 10.94 20.41 -20.73
N LYS A 261 10.23 21.54 -20.76
CA LYS A 261 10.90 22.84 -20.83
C LYS A 261 11.11 23.44 -19.44
N VAL A 262 12.20 24.19 -19.28
CA VAL A 262 12.47 24.87 -18.03
C VAL A 262 11.43 25.94 -17.75
N GLU A 263 10.90 25.94 -16.54
CA GLU A 263 9.93 26.95 -16.11
C GLU A 263 10.59 28.04 -15.27
N LYS A 264 11.53 27.64 -14.42
CA LYS A 264 12.14 28.58 -13.49
C LYS A 264 13.54 28.11 -13.11
N THR A 265 14.47 29.06 -13.09
CA THR A 265 15.83 28.81 -12.59
C THR A 265 16.08 29.67 -11.36
N LEU A 266 16.51 29.03 -10.27
CA LEU A 266 16.78 29.74 -9.03
C LEU A 266 18.25 29.64 -8.64
N ASN A 267 18.91 30.77 -8.40
CA ASN A 267 20.19 30.66 -7.70
C ASN A 267 19.99 31.14 -6.27
N VAL A 268 19.95 30.20 -5.33
CA VAL A 268 19.59 30.56 -3.96
C VAL A 268 20.78 31.15 -3.21
N GLY A 269 21.95 31.17 -3.84
CA GLY A 269 23.11 31.87 -3.30
C GLY A 269 23.88 31.11 -2.24
N LEU A 270 23.86 29.78 -2.33
CA LEU A 270 24.57 28.92 -1.38
C LEU A 270 25.67 28.10 -2.06
N GLU A 271 26.07 28.56 -3.26
CA GLU A 271 27.04 27.86 -4.11
C GLU A 271 26.54 26.49 -4.60
N ARG A 272 27.42 25.49 -4.67
CA ARG A 272 27.04 24.23 -5.35
C ARG A 272 25.90 23.47 -4.68
N SER A 273 24.94 22.97 -5.48
CA SER A 273 23.84 22.15 -4.96
C SER A 273 24.17 20.66 -5.00
N TRP A 274 23.87 19.93 -3.92
CA TRP A 274 24.26 18.52 -3.80
C TRP A 274 23.11 17.53 -3.62
N CYS A 275 22.03 17.93 -2.98
CA CYS A 275 21.01 16.98 -2.59
C CYS A 275 19.62 17.60 -2.56
N ILE A 276 18.60 16.74 -2.57
CA ILE A 276 17.21 17.16 -2.71
C ILE A 276 16.29 16.28 -1.88
N ALA A 277 15.20 16.87 -1.38
CA ALA A 277 14.12 16.11 -0.76
C ALA A 277 12.80 16.77 -1.10
N THR A 278 11.74 15.99 -1.24
CA THR A 278 10.41 16.53 -1.43
C THR A 278 9.55 15.98 -0.30
N HIS A 279 8.62 16.77 0.20
CA HIS A 279 7.80 16.31 1.32
C HIS A 279 6.92 15.15 0.86
N PRO A 280 6.96 14.03 1.60
CA PRO A 280 6.34 12.76 1.22
C PRO A 280 4.86 12.88 0.80
N THR A 281 4.14 13.82 1.42
CA THR A 281 2.72 13.98 1.12
C THR A 281 2.42 15.32 0.45
N GLY A 282 3.46 16.03 0.04
CA GLY A 282 3.31 17.28 -0.68
C GLY A 282 2.74 18.40 0.17
N ARG A 283 2.95 18.32 1.48
CA ARG A 283 2.47 19.37 2.36
C ARG A 283 3.08 20.70 1.98
N LYS A 284 2.22 21.66 1.66
CA LYS A 284 2.63 23.00 1.27
C LYS A 284 3.59 22.97 0.09
N ASN A 285 3.54 21.89 -0.69
CA ASN A 285 4.46 21.70 -1.80
C ASN A 285 5.92 21.97 -1.43
N TYR A 286 6.30 21.55 -0.23
CA TYR A 286 7.64 21.75 0.29
C TYR A 286 8.70 20.94 -0.46
N ILE A 287 9.82 21.58 -0.77
CA ILE A 287 11.02 20.89 -1.21
C ILE A 287 12.18 21.46 -0.42
N ALA A 288 13.28 20.72 -0.35
CA ALA A 288 14.46 21.19 0.37
C ALA A 288 15.69 20.74 -0.38
N SER A 289 16.71 21.59 -0.41
CA SER A 289 17.94 21.22 -1.09
C SER A 289 19.15 21.64 -0.25
N GLY A 290 20.21 20.86 -0.32
CA GLY A 290 21.42 21.12 0.45
C GLY A 290 22.55 21.54 -0.47
N PHE A 291 23.40 22.46 0.02
CA PHE A 291 24.39 23.14 -0.80
C PHE A 291 25.72 23.26 -0.06
N ASP A 292 26.76 23.71 -0.77
CA ASP A 292 28.04 24.04 -0.14
C ASP A 292 27.90 24.82 1.18
N ASN A 293 27.02 25.82 1.20
CA ASN A 293 26.99 26.74 2.32
C ASN A 293 25.74 26.69 3.21
N GLY A 294 24.91 25.66 3.05
CA GLY A 294 23.73 25.53 3.89
C GLY A 294 22.59 24.85 3.15
N PHE A 295 21.36 25.01 3.65
CA PHE A 295 20.20 24.43 3.00
C PHE A 295 19.10 25.44 2.85
N THR A 296 18.11 25.10 2.04
CA THR A 296 16.92 25.92 1.97
C THR A 296 15.69 25.03 1.86
N VAL A 297 14.63 25.43 2.55
CA VAL A 297 13.34 24.77 2.44
C VAL A 297 12.41 25.74 1.74
N LEU A 298 11.84 25.32 0.61
CA LEU A 298 10.98 26.19 -0.20
C LEU A 298 9.59 25.61 -0.30
N SER A 299 8.60 26.49 -0.27
CA SER A 299 7.24 26.12 -0.66
C SER A 299 7.02 26.55 -2.11
N LEU A 300 6.62 25.62 -2.97
CA LEU A 300 6.56 25.92 -4.41
C LEU A 300 5.28 26.62 -4.84
N GLY A 301 4.28 26.63 -3.97
CA GLY A 301 3.02 27.26 -4.27
C GLY A 301 1.88 26.80 -3.39
N LYS B 2 -23.98 8.91 -13.41
CA LYS B 2 -25.42 8.74 -13.61
C LYS B 2 -25.81 7.29 -13.35
N LEU B 3 -26.58 7.07 -12.28
CA LEU B 3 -27.05 5.73 -11.96
C LEU B 3 -27.86 5.18 -13.12
N ASP B 4 -27.31 4.16 -13.77
CA ASP B 4 -27.91 3.56 -14.95
C ASP B 4 -27.63 2.06 -14.90
N ILE B 5 -28.41 1.36 -14.10
CA ILE B 5 -28.15 -0.04 -13.81
C ILE B 5 -28.47 -0.99 -14.97
N LYS B 6 -27.48 -1.77 -15.36
CA LYS B 6 -27.65 -2.74 -16.44
C LYS B 6 -27.29 -4.13 -15.95
N LYS B 7 -28.07 -5.13 -16.37
CA LYS B 7 -27.76 -6.50 -16.02
C LYS B 7 -26.69 -6.98 -16.97
N THR B 8 -25.49 -7.26 -16.48
CA THR B 8 -24.47 -7.76 -17.40
C THR B 8 -24.50 -9.29 -17.53
N PHE B 9 -24.83 -9.99 -16.45
CA PHE B 9 -24.98 -11.44 -16.51
C PHE B 9 -25.68 -11.99 -15.28
N SER B 10 -26.76 -12.75 -15.50
CA SER B 10 -27.41 -13.45 -14.42
C SER B 10 -27.66 -14.90 -14.85
N ASN B 11 -27.48 -15.83 -13.92
CA ASN B 11 -27.71 -17.25 -14.22
C ASN B 11 -28.35 -17.90 -13.01
N ARG B 12 -29.18 -18.91 -13.25
CA ARG B 12 -29.78 -19.62 -12.14
C ARG B 12 -28.89 -20.76 -11.63
N SER B 13 -28.98 -21.01 -10.32
CA SER B 13 -28.24 -22.07 -9.67
C SER B 13 -28.91 -22.38 -8.34
N ASP B 14 -28.38 -23.38 -7.65
CA ASP B 14 -28.74 -23.59 -6.25
C ASP B 14 -28.31 -22.37 -5.47
N ARG B 15 -28.85 -22.25 -4.26
CA ARG B 15 -28.63 -21.09 -3.40
C ARG B 15 -27.17 -20.64 -3.32
N VAL B 16 -26.92 -19.38 -3.66
CA VAL B 16 -25.58 -18.81 -3.59
C VAL B 16 -25.33 -18.16 -2.23
N LYS B 17 -24.36 -18.68 -1.49
CA LYS B 17 -24.05 -18.20 -0.15
C LYS B 17 -22.85 -17.26 -0.09
N GLY B 18 -21.90 -17.46 -1.01
CA GLY B 18 -20.72 -16.62 -1.07
C GLY B 18 -20.44 -16.18 -2.49
N ILE B 19 -19.83 -15.02 -2.64
CA ILE B 19 -19.57 -14.46 -3.96
C ILE B 19 -18.36 -13.53 -3.93
N ASP B 20 -17.57 -13.50 -5.01
CA ASP B 20 -16.35 -12.69 -5.03
C ASP B 20 -15.92 -12.40 -6.46
N PHE B 21 -15.38 -11.21 -6.70
CA PHE B 21 -14.85 -10.83 -8.01
C PHE B 21 -13.36 -11.09 -8.05
N HIS B 22 -12.86 -11.59 -9.19
CA HIS B 22 -11.43 -11.63 -9.43
C HIS B 22 -10.96 -10.22 -9.82
N PRO B 23 -9.78 -9.80 -9.32
CA PRO B 23 -9.35 -8.41 -9.53
C PRO B 23 -8.84 -8.08 -10.92
N THR B 24 -8.39 -9.06 -11.70
CA THR B 24 -7.82 -8.76 -13.03
C THR B 24 -8.47 -9.54 -14.17
N GLU B 25 -9.13 -10.65 -13.86
CA GLU B 25 -9.89 -11.38 -14.85
C GLU B 25 -11.38 -11.08 -14.66
N PRO B 26 -12.16 -11.07 -15.76
CA PRO B 26 -13.60 -10.78 -15.65
C PRO B 26 -14.38 -11.98 -15.11
N TRP B 27 -14.03 -12.40 -13.90
CA TRP B 27 -14.57 -13.63 -13.32
C TRP B 27 -15.31 -13.33 -12.03
N VAL B 28 -16.39 -14.06 -11.79
CA VAL B 28 -17.00 -14.07 -10.47
C VAL B 28 -17.02 -15.50 -9.94
N LEU B 29 -16.71 -15.66 -8.65
CA LEU B 29 -16.82 -16.93 -7.97
C LEU B 29 -18.12 -16.97 -7.17
N THR B 30 -18.86 -18.07 -7.26
CA THR B 30 -20.01 -18.31 -6.39
C THR B 30 -19.80 -19.59 -5.60
N THR B 31 -20.28 -19.63 -4.36
CA THR B 31 -20.18 -20.86 -3.58
C THR B 31 -21.58 -21.19 -3.14
N LEU B 32 -21.98 -22.45 -3.30
CA LEU B 32 -23.40 -22.79 -3.23
C LEU B 32 -23.77 -23.64 -2.03
N TYR B 33 -25.05 -23.58 -1.66
CA TYR B 33 -25.60 -24.34 -0.53
C TYR B 33 -25.51 -25.85 -0.81
N SER B 34 -25.38 -26.19 -2.08
CA SER B 34 -25.29 -27.60 -2.52
C SER B 34 -23.89 -28.20 -2.42
N GLY B 35 -22.88 -27.41 -2.07
CA GLY B 35 -21.54 -27.93 -1.96
C GLY B 35 -20.71 -27.71 -3.21
N ARG B 36 -21.35 -27.15 -4.24
CA ARG B 36 -20.69 -26.78 -5.48
C ARG B 36 -20.15 -25.34 -5.44
N VAL B 37 -19.06 -25.08 -6.15
CA VAL B 37 -18.60 -23.72 -6.39
C VAL B 37 -18.39 -23.52 -7.90
N GLU B 38 -18.65 -22.31 -8.38
CA GLU B 38 -18.55 -22.02 -9.80
C GLU B 38 -17.74 -20.75 -10.01
N ILE B 39 -16.87 -20.76 -11.03
CA ILE B 39 -16.25 -19.52 -11.45
C ILE B 39 -16.77 -19.20 -12.85
N TRP B 40 -17.42 -18.06 -13.00
CA TRP B 40 -17.94 -17.64 -14.30
C TRP B 40 -17.18 -16.46 -14.87
N ASN B 41 -16.96 -16.49 -16.17
CA ASN B 41 -16.57 -15.29 -16.90
C ASN B 41 -17.86 -14.57 -17.24
N TYR B 42 -18.10 -13.42 -16.61
CA TYR B 42 -19.39 -12.75 -16.76
C TYR B 42 -19.48 -11.91 -18.04
N GLU B 43 -18.37 -11.82 -18.77
CA GLU B 43 -18.41 -11.13 -20.05
C GLU B 43 -18.67 -12.08 -21.23
N THR B 44 -18.05 -13.25 -21.22
CA THR B 44 -18.34 -14.28 -22.22
C THR B 44 -19.53 -15.16 -21.81
N GLN B 45 -19.85 -15.14 -20.52
CA GLN B 45 -20.92 -15.96 -19.95
C GLN B 45 -20.64 -17.45 -20.13
N VAL B 46 -19.41 -17.84 -19.83
CA VAL B 46 -18.99 -19.24 -19.88
C VAL B 46 -18.25 -19.56 -18.59
N GLU B 47 -18.44 -20.78 -18.07
CA GLU B 47 -17.77 -21.18 -16.84
C GLU B 47 -16.30 -21.38 -17.07
N VAL B 48 -15.46 -20.78 -16.22
CA VAL B 48 -14.04 -21.04 -16.36
C VAL B 48 -13.69 -22.32 -15.62
N ARG B 49 -14.38 -22.58 -14.52
CA ARG B 49 -14.03 -23.69 -13.64
C ARG B 49 -15.16 -23.94 -12.65
N SER B 50 -15.49 -25.21 -12.39
CA SER B 50 -16.44 -25.51 -11.32
C SER B 50 -16.04 -26.81 -10.65
N ILE B 51 -16.41 -26.92 -9.37
CA ILE B 51 -15.97 -28.03 -8.52
C ILE B 51 -17.09 -28.45 -7.57
N GLN B 52 -17.36 -29.75 -7.50
CA GLN B 52 -18.22 -30.24 -6.42
C GLN B 52 -17.32 -30.47 -5.22
N VAL B 53 -17.29 -29.50 -4.31
CA VAL B 53 -16.31 -29.47 -3.22
C VAL B 53 -16.69 -30.42 -2.09
N THR B 54 -17.98 -30.47 -1.78
CA THR B 54 -18.46 -31.25 -0.65
C THR B 54 -19.96 -31.47 -0.85
N GLU B 55 -20.60 -32.19 0.07
CA GLU B 55 -22.04 -32.36 -0.03
C GLU B 55 -22.77 -31.37 0.88
N THR B 56 -22.01 -30.58 1.64
CA THR B 56 -22.59 -29.64 2.59
C THR B 56 -22.52 -28.21 2.05
N PRO B 57 -23.27 -27.27 2.66
CA PRO B 57 -23.17 -25.90 2.15
C PRO B 57 -21.77 -25.30 2.22
N VAL B 58 -21.37 -24.60 1.15
CA VAL B 58 -20.14 -23.82 1.18
C VAL B 58 -20.53 -22.36 1.36
N ARG B 59 -20.43 -21.85 2.59
CA ARG B 59 -20.91 -20.50 2.89
C ARG B 59 -19.94 -19.36 2.58
N ALA B 60 -18.67 -19.68 2.37
CA ALA B 60 -17.65 -18.65 2.26
C ALA B 60 -16.69 -19.00 1.15
N GLY B 61 -16.32 -18.00 0.36
CA GLY B 61 -15.37 -18.24 -0.72
C GLY B 61 -14.75 -16.94 -1.19
N LYS B 62 -13.43 -16.99 -1.40
CA LYS B 62 -12.69 -15.82 -1.86
C LYS B 62 -11.62 -16.23 -2.86
N PHE B 63 -11.33 -15.36 -3.81
CA PHE B 63 -10.13 -15.53 -4.61
C PHE B 63 -8.92 -15.15 -3.78
N ILE B 64 -7.81 -15.85 -4.01
CA ILE B 64 -6.49 -15.35 -3.61
C ILE B 64 -5.73 -15.23 -4.91
N ALA B 65 -5.94 -14.11 -5.58
CA ALA B 65 -5.45 -13.93 -6.95
C ALA B 65 -3.93 -14.06 -7.11
N ARG B 66 -3.19 -13.54 -6.14
CA ARG B 66 -1.73 -13.57 -6.26
C ARG B 66 -1.15 -14.98 -6.16
N LYS B 67 -1.98 -15.94 -5.76
CA LYS B 67 -1.54 -17.33 -5.67
C LYS B 67 -2.27 -18.23 -6.67
N ASN B 68 -3.18 -17.64 -7.44
CA ASN B 68 -4.03 -18.36 -8.38
C ASN B 68 -4.93 -19.38 -7.69
N TRP B 69 -5.42 -19.01 -6.51
CA TRP B 69 -6.24 -19.92 -5.71
C TRP B 69 -7.65 -19.39 -5.49
N ILE B 70 -8.57 -20.29 -5.15
CA ILE B 70 -9.74 -19.92 -4.39
C ILE B 70 -9.67 -20.61 -3.04
N ILE B 71 -10.21 -19.97 -2.01
CA ILE B 71 -10.30 -20.58 -0.70
C ILE B 71 -11.77 -20.61 -0.31
N VAL B 72 -12.22 -21.78 0.14
CA VAL B 72 -13.62 -21.94 0.53
C VAL B 72 -13.78 -22.61 1.90
N GLY B 73 -14.89 -22.32 2.58
CA GLY B 73 -15.16 -22.90 3.88
C GLY B 73 -16.57 -23.46 3.90
N SER B 74 -16.77 -24.62 4.53
CA SER B 74 -18.07 -25.31 4.43
C SER B 74 -18.62 -25.82 5.77
N ASP B 75 -19.86 -26.29 5.76
CA ASP B 75 -20.54 -26.71 6.98
C ASP B 75 -19.98 -28.04 7.49
N ASP B 76 -19.13 -28.68 6.69
CA ASP B 76 -18.47 -29.91 7.14
C ASP B 76 -17.21 -29.61 7.96
N PHE B 77 -17.04 -28.33 8.29
CA PHE B 77 -16.01 -27.80 9.22
C PHE B 77 -14.68 -27.53 8.54
N ARG B 78 -14.63 -27.68 7.22
CA ARG B 78 -13.36 -27.71 6.52
C ARG B 78 -13.07 -26.45 5.72
N ILE B 79 -11.81 -26.03 5.73
CA ILE B 79 -11.32 -25.05 4.78
C ILE B 79 -10.60 -25.81 3.67
N ARG B 80 -10.91 -25.46 2.42
CA ARG B 80 -10.21 -26.06 1.28
C ARG B 80 -9.72 -24.99 0.34
N VAL B 81 -8.60 -25.26 -0.32
CA VAL B 81 -8.01 -24.31 -1.24
C VAL B 81 -7.81 -25.03 -2.56
N PHE B 82 -8.23 -24.43 -3.67
CA PHE B 82 -8.03 -25.04 -4.98
C PHE B 82 -7.31 -24.07 -5.91
N ASN B 83 -6.48 -24.61 -6.81
CA ASN B 83 -5.90 -23.80 -7.87
C ASN B 83 -6.95 -23.64 -8.96
N TYR B 84 -7.28 -22.41 -9.36
CA TYR B 84 -8.36 -22.24 -10.32
C TYR B 84 -7.93 -22.47 -11.77
N ASN B 85 -6.63 -22.56 -12.02
CA ASN B 85 -6.14 -22.87 -13.35
C ASN B 85 -6.24 -24.36 -13.71
N THR B 86 -6.12 -25.23 -12.71
CA THR B 86 -6.08 -26.67 -12.93
C THR B 86 -7.19 -27.43 -12.21
N GLY B 87 -7.80 -26.78 -11.22
CA GLY B 87 -8.82 -27.44 -10.41
C GLY B 87 -8.24 -28.27 -9.28
N GLU B 88 -6.92 -28.34 -9.20
CA GLU B 88 -6.26 -29.17 -8.18
C GLU B 88 -6.47 -28.67 -6.76
N LYS B 89 -6.72 -29.59 -5.84
CA LYS B 89 -6.83 -29.21 -4.43
C LYS B 89 -5.44 -28.99 -3.84
N VAL B 90 -5.27 -27.85 -3.18
CA VAL B 90 -3.99 -27.43 -2.61
C VAL B 90 -3.88 -27.85 -1.15
N VAL B 91 -4.93 -27.61 -0.38
CA VAL B 91 -4.97 -28.04 1.01
C VAL B 91 -6.42 -28.30 1.42
N ASP B 92 -6.60 -29.07 2.49
CA ASP B 92 -7.93 -29.45 2.96
C ASP B 92 -7.79 -29.79 4.44
N PHE B 93 -8.30 -28.93 5.31
CA PHE B 93 -8.13 -29.15 6.76
C PHE B 93 -9.38 -28.82 7.57
N GLU B 94 -9.55 -29.49 8.71
CA GLU B 94 -10.60 -29.06 9.63
C GLU B 94 -10.18 -27.76 10.33
N ALA B 95 -10.98 -26.71 10.16
CA ALA B 95 -10.66 -25.38 10.67
C ALA B 95 -11.34 -25.10 12.02
N HIS B 96 -12.59 -25.57 12.15
CA HIS B 96 -13.39 -25.29 13.34
C HIS B 96 -14.26 -26.51 13.61
N PRO B 97 -14.73 -26.70 14.86
CA PRO B 97 -15.66 -27.80 15.10
C PRO B 97 -17.12 -27.42 14.82
N ASP B 98 -17.35 -26.45 13.96
CA ASP B 98 -18.70 -25.99 13.64
C ASP B 98 -18.67 -25.22 12.33
N TYR B 99 -19.84 -24.77 11.87
CA TYR B 99 -19.97 -24.14 10.54
C TYR B 99 -19.00 -22.97 10.35
N ILE B 100 -18.45 -22.84 9.14
CA ILE B 100 -17.65 -21.67 8.79
C ILE B 100 -18.55 -20.67 8.09
N ARG B 101 -18.61 -19.43 8.59
CA ARG B 101 -19.53 -18.43 8.04
C ARG B 101 -18.85 -17.46 7.09
N SER B 102 -17.57 -17.20 7.29
CA SER B 102 -16.95 -16.08 6.61
C SER B 102 -15.45 -16.27 6.53
N ILE B 103 -14.85 -15.90 5.41
CA ILE B 103 -13.41 -15.97 5.21
C ILE B 103 -12.92 -14.62 4.68
N ALA B 104 -11.82 -14.10 5.25
CA ALA B 104 -11.21 -12.87 4.74
C ALA B 104 -9.74 -13.12 4.41
N VAL B 105 -9.25 -12.51 3.32
CA VAL B 105 -7.86 -12.70 2.91
C VAL B 105 -7.06 -11.40 3.05
N HIS B 106 -5.90 -11.49 3.71
CA HIS B 106 -5.07 -10.30 3.92
C HIS B 106 -4.52 -9.81 2.59
N PRO B 107 -4.47 -8.49 2.38
CA PRO B 107 -4.04 -7.98 1.07
C PRO B 107 -2.55 -8.15 0.75
N THR B 108 -1.67 -8.26 1.74
CA THR B 108 -0.23 -8.32 1.47
C THR B 108 0.54 -9.42 2.21
N LYS B 109 -0.05 -9.93 3.28
CA LYS B 109 0.58 -11.00 4.06
C LYS B 109 -0.15 -12.33 3.80
N PRO B 110 0.55 -13.46 3.98
CA PRO B 110 -0.09 -14.75 3.65
C PRO B 110 -1.05 -15.23 4.74
N TYR B 111 -2.02 -14.39 5.10
CA TYR B 111 -2.95 -14.67 6.19
C TYR B 111 -4.38 -14.80 5.69
N VAL B 112 -5.12 -15.75 6.25
CA VAL B 112 -6.56 -15.84 6.01
C VAL B 112 -7.25 -15.87 7.36
N LEU B 113 -8.39 -15.19 7.49
CA LEU B 113 -9.21 -15.30 8.69
C LEU B 113 -10.46 -16.11 8.38
N SER B 114 -10.89 -16.93 9.34
CA SER B 114 -12.17 -17.62 9.22
C SER B 114 -12.98 -17.36 10.48
N GLY B 115 -14.26 -17.06 10.31
CA GLY B 115 -15.18 -16.90 11.42
C GLY B 115 -16.18 -18.03 11.45
N SER B 116 -16.54 -18.48 12.65
CA SER B 116 -17.28 -19.73 12.80
C SER B 116 -18.40 -19.69 13.85
N ASP B 117 -19.31 -20.64 13.74
CA ASP B 117 -20.34 -20.85 14.76
C ASP B 117 -19.72 -21.31 16.08
N ASP B 118 -18.42 -21.64 16.07
CA ASP B 118 -17.75 -22.05 17.31
C ASP B 118 -17.34 -20.86 18.17
N LEU B 119 -17.83 -19.68 17.79
CA LEU B 119 -17.65 -18.41 18.53
C LEU B 119 -16.28 -17.75 18.36
N THR B 120 -15.47 -18.24 17.44
CA THR B 120 -14.11 -17.71 17.26
C THR B 120 -13.82 -17.19 15.87
N VAL B 121 -12.75 -16.41 15.77
CA VAL B 121 -12.12 -16.14 14.49
C VAL B 121 -10.74 -16.78 14.56
N LYS B 122 -10.30 -17.42 13.49
CA LYS B 122 -8.99 -18.06 13.49
C LYS B 122 -8.15 -17.51 12.35
N LEU B 123 -6.85 -17.39 12.60
CA LEU B 123 -5.90 -16.83 11.63
C LEU B 123 -4.98 -17.95 11.16
N TRP B 124 -4.94 -18.16 9.85
CA TRP B 124 -4.15 -19.23 9.25
C TRP B 124 -3.04 -18.64 8.37
N ASN B 125 -1.85 -19.24 8.41
CA ASN B 125 -0.70 -18.71 7.68
C ASN B 125 -0.24 -19.67 6.57
N TRP B 126 -0.49 -19.33 5.32
CA TRP B 126 -0.18 -20.27 4.23
C TRP B 126 1.32 -20.41 3.93
N GLU B 127 2.14 -19.51 4.46
CA GLU B 127 3.59 -19.63 4.31
C GLU B 127 4.19 -20.39 5.49
N ASN B 128 3.33 -20.83 6.40
CA ASN B 128 3.73 -21.68 7.52
C ASN B 128 2.86 -22.94 7.52
N ASN B 129 2.70 -23.54 6.35
CA ASN B 129 1.94 -24.79 6.18
C ASN B 129 0.48 -24.71 6.62
N TRP B 130 -0.13 -23.52 6.49
CA TRP B 130 -1.51 -23.29 6.90
C TRP B 130 -1.71 -23.53 8.40
N ALA B 131 -0.65 -23.31 9.18
CA ALA B 131 -0.73 -23.48 10.62
C ALA B 131 -1.70 -22.47 11.23
N LEU B 132 -2.37 -22.90 12.29
CA LEU B 132 -3.18 -21.97 13.07
C LEU B 132 -2.25 -21.06 13.85
N GLU B 133 -2.26 -19.78 13.52
CA GLU B 133 -1.34 -18.84 14.20
C GLU B 133 -1.99 -18.14 15.39
N GLN B 134 -3.29 -17.98 15.35
CA GLN B 134 -3.99 -17.30 16.45
C GLN B 134 -5.49 -17.60 16.43
N THR B 135 -6.08 -17.69 17.63
CA THR B 135 -7.53 -17.81 17.77
C THR B 135 -8.04 -16.61 18.58
N PHE B 136 -9.02 -15.90 18.03
CA PHE B 136 -9.56 -14.73 18.68
C PHE B 136 -10.83 -15.10 19.40
N GLU B 137 -10.78 -15.10 20.74
CA GLU B 137 -11.92 -15.50 21.57
C GLU B 137 -12.53 -14.30 22.26
N GLY B 138 -13.85 -14.32 22.42
CA GLY B 138 -14.53 -13.27 23.15
C GLY B 138 -16.00 -13.14 22.75
N HIS B 139 -16.30 -13.45 21.50
CA HIS B 139 -17.68 -13.41 21.05
C HIS B 139 -18.52 -14.47 21.75
N GLU B 140 -19.83 -14.25 21.83
CA GLU B 140 -20.69 -15.12 22.60
C GLU B 140 -21.79 -15.77 21.77
N HIS B 141 -21.68 -15.64 20.45
CA HIS B 141 -22.60 -16.31 19.54
C HIS B 141 -21.87 -16.48 18.21
N PHE B 142 -22.57 -16.92 17.17
CA PHE B 142 -21.95 -17.24 15.89
C PHE B 142 -21.24 -16.03 15.28
N VAL B 143 -19.99 -16.21 14.83
CA VAL B 143 -19.31 -15.14 14.12
C VAL B 143 -19.69 -15.19 12.65
N MET B 144 -20.46 -14.20 12.21
CA MET B 144 -21.12 -14.24 10.92
C MET B 144 -20.30 -13.61 9.80
N CYS B 145 -19.35 -12.75 10.15
CA CYS B 145 -18.65 -11.97 9.15
C CYS B 145 -17.31 -11.48 9.67
N VAL B 146 -16.26 -11.62 8.86
CA VAL B 146 -14.96 -11.06 9.20
C VAL B 146 -14.46 -10.23 8.02
N ALA B 147 -13.79 -9.13 8.33
CA ALA B 147 -13.30 -8.22 7.29
C ALA B 147 -12.08 -7.44 7.78
N PHE B 148 -11.00 -7.43 6.99
CA PHE B 148 -9.84 -6.59 7.31
C PHE B 148 -10.16 -5.12 7.07
N ASN B 149 -9.57 -4.25 7.87
CA ASN B 149 -9.62 -2.83 7.54
C ASN B 149 -8.67 -2.58 6.36
N PRO B 150 -9.23 -2.19 5.20
CA PRO B 150 -8.35 -2.03 4.02
C PRO B 150 -7.31 -0.93 4.21
N LYS B 151 -7.58 0.01 5.10
CA LYS B 151 -6.68 1.12 5.38
C LYS B 151 -5.64 0.77 6.46
N ASP B 152 -5.86 -0.35 7.14
CA ASP B 152 -4.90 -0.84 8.13
C ASP B 152 -5.21 -2.30 8.42
N PRO B 153 -4.68 -3.20 7.58
CA PRO B 153 -5.02 -4.63 7.67
C PRO B 153 -4.29 -5.36 8.79
N SER B 154 -3.60 -4.63 9.66
CA SER B 154 -3.13 -5.22 10.91
C SER B 154 -4.32 -5.31 11.86
N THR B 155 -5.45 -4.71 11.46
CA THR B 155 -6.70 -4.82 12.22
C THR B 155 -7.83 -5.39 11.37
N PHE B 156 -8.82 -5.97 12.04
CA PHE B 156 -9.98 -6.51 11.34
C PHE B 156 -11.18 -6.48 12.26
N ALA B 157 -12.37 -6.63 11.66
CA ALA B 157 -13.62 -6.56 12.39
C ALA B 157 -14.35 -7.89 12.27
N SER B 158 -15.02 -8.29 13.34
CA SER B 158 -15.91 -9.45 13.30
C SER B 158 -17.31 -9.01 13.72
N GLY B 159 -18.32 -9.46 12.98
CA GLY B 159 -19.70 -9.16 13.32
C GLY B 159 -20.37 -10.45 13.78
N CYS B 160 -21.21 -10.36 14.80
CA CYS B 160 -21.62 -11.56 15.53
C CYS B 160 -23.09 -11.52 15.93
N LEU B 161 -23.72 -12.68 16.04
CA LEU B 161 -25.11 -12.73 16.45
C LEU B 161 -25.26 -12.35 17.92
N ASP B 162 -24.14 -12.14 18.61
CA ASP B 162 -24.19 -11.64 19.99
C ASP B 162 -24.44 -10.13 20.07
N ARG B 163 -24.75 -9.55 18.91
CA ARG B 163 -25.15 -8.14 18.77
C ARG B 163 -23.98 -7.16 18.84
N THR B 164 -22.75 -7.68 18.76
CA THR B 164 -21.59 -6.79 18.80
C THR B 164 -20.75 -6.90 17.54
N VAL B 165 -19.96 -5.86 17.29
CA VAL B 165 -18.82 -5.94 16.40
C VAL B 165 -17.57 -5.80 17.26
N LYS B 166 -16.60 -6.68 17.07
CA LYS B 166 -15.32 -6.52 17.77
C LYS B 166 -14.22 -6.21 16.76
N VAL B 167 -13.33 -5.29 17.11
CA VAL B 167 -12.22 -4.95 16.23
C VAL B 167 -10.95 -5.35 16.93
N TRP B 168 -10.08 -6.08 16.21
CA TRP B 168 -8.94 -6.76 16.80
C TRP B 168 -7.66 -6.34 16.09
N SER B 169 -6.53 -6.48 16.77
CA SER B 169 -5.21 -6.36 16.14
C SER B 169 -4.57 -7.74 16.01
N LEU B 170 -3.95 -8.01 14.87
CA LEU B 170 -3.18 -9.23 14.71
C LEU B 170 -2.10 -9.27 15.77
N GLY B 171 -1.96 -10.41 16.43
CA GLY B 171 -0.96 -10.54 17.48
C GLY B 171 -1.44 -10.18 18.88
N GLN B 172 -2.68 -9.71 18.99
CA GLN B 172 -3.23 -9.37 20.31
C GLN B 172 -4.49 -10.16 20.61
N SER B 173 -4.65 -10.57 21.87
CA SER B 173 -5.67 -11.57 22.23
C SER B 173 -7.04 -10.99 22.57
N THR B 174 -7.11 -9.68 22.84
CA THR B 174 -8.38 -9.05 23.18
C THR B 174 -8.73 -7.97 22.17
N PRO B 175 -10.03 -7.66 22.03
CA PRO B 175 -10.42 -6.61 21.08
C PRO B 175 -9.85 -5.25 21.47
N ASN B 176 -9.46 -4.48 20.45
CA ASN B 176 -9.13 -3.07 20.65
C ASN B 176 -10.35 -2.36 21.19
N PHE B 177 -11.52 -2.73 20.66
CA PHE B 177 -12.80 -2.27 21.21
C PHE B 177 -13.93 -3.20 20.77
N THR B 178 -15.04 -3.13 21.51
CA THR B 178 -16.27 -3.82 21.15
C THR B 178 -17.36 -2.79 20.93
N LEU B 179 -18.03 -2.87 19.77
CA LEU B 179 -19.14 -1.99 19.46
C LEU B 179 -20.45 -2.66 19.86
N THR B 180 -21.20 -2.04 20.76
CA THR B 180 -22.53 -2.54 21.11
C THR B 180 -23.50 -1.88 20.14
N THR B 181 -23.98 -2.65 19.17
CA THR B 181 -24.70 -2.08 18.03
C THR B 181 -26.13 -1.64 18.31
N GLY B 182 -26.77 -2.24 19.31
CA GLY B 182 -28.17 -1.98 19.53
C GLY B 182 -29.04 -2.69 18.51
N GLN B 183 -28.42 -3.57 17.71
CA GLN B 183 -29.18 -4.37 16.77
C GLN B 183 -29.47 -5.71 17.42
N GLU B 184 -30.62 -5.79 18.09
CA GLU B 184 -30.87 -6.81 19.11
C GLU B 184 -31.05 -8.23 18.59
N ARG B 185 -31.18 -8.39 17.27
CA ARG B 185 -31.29 -9.73 16.71
C ARG B 185 -29.97 -10.15 16.08
N GLY B 186 -28.91 -9.40 16.35
CA GLY B 186 -27.58 -9.80 15.94
C GLY B 186 -26.99 -8.96 14.83
N VAL B 187 -25.72 -9.20 14.53
CA VAL B 187 -25.07 -8.57 13.38
C VAL B 187 -24.74 -9.68 12.39
N ASN B 188 -25.23 -9.55 11.15
CA ASN B 188 -24.97 -10.53 10.10
C ASN B 188 -23.77 -10.19 9.24
N TYR B 189 -23.36 -8.92 9.24
CA TYR B 189 -22.38 -8.45 8.27
C TYR B 189 -21.73 -7.19 8.81
N VAL B 190 -20.44 -7.04 8.53
CA VAL B 190 -19.72 -5.81 8.82
C VAL B 190 -18.77 -5.53 7.65
N ASP B 191 -18.63 -4.25 7.31
CA ASP B 191 -17.83 -3.83 6.16
C ASP B 191 -17.18 -2.50 6.53
N TYR B 192 -16.02 -2.22 5.96
CA TYR B 192 -15.38 -0.92 6.13
C TYR B 192 -15.57 -0.04 4.91
N TYR B 193 -15.74 1.26 5.13
CA TYR B 193 -15.61 2.25 4.06
C TYR B 193 -14.13 2.28 3.67
N PRO B 194 -13.82 2.15 2.37
CA PRO B 194 -12.43 1.94 1.97
C PRO B 194 -11.57 3.21 1.83
N LEU B 195 -12.20 4.37 1.76
CA LEU B 195 -11.47 5.62 1.50
C LEU B 195 -11.02 6.34 2.78
N PRO B 196 -9.93 7.14 2.70
CA PRO B 196 -9.32 7.73 3.90
C PRO B 196 -10.12 8.86 4.54
N ASP B 197 -11.18 9.35 3.89
CA ASP B 197 -11.85 10.55 4.40
C ASP B 197 -12.83 10.30 5.57
N LYS B 198 -13.25 9.04 5.76
CA LYS B 198 -14.18 8.71 6.84
C LYS B 198 -13.75 7.42 7.54
N PRO B 199 -13.71 7.43 8.87
CA PRO B 199 -13.44 6.20 9.63
C PRO B 199 -14.73 5.41 9.84
N TYR B 200 -15.34 4.95 8.75
CA TYR B 200 -16.66 4.34 8.84
C TYR B 200 -16.71 2.81 8.73
N MET B 201 -17.63 2.22 9.46
CA MET B 201 -17.95 0.80 9.31
C MET B 201 -19.45 0.74 9.11
N ILE B 202 -19.95 -0.39 8.64
CA ILE B 202 -21.40 -0.54 8.45
C ILE B 202 -21.83 -1.94 8.83
N THR B 203 -22.96 -2.06 9.53
CA THR B 203 -23.47 -3.34 10.01
C THR B 203 -24.91 -3.61 9.58
N ALA B 204 -25.21 -4.87 9.29
CA ALA B 204 -26.54 -5.29 8.83
C ALA B 204 -27.11 -6.34 9.79
N SER B 205 -28.41 -6.31 10.03
CA SER B 205 -29.03 -7.13 11.08
C SER B 205 -30.37 -7.77 10.70
N ASP B 206 -30.71 -8.86 11.40
CA ASP B 206 -32.03 -9.47 11.31
C ASP B 206 -33.12 -8.52 11.84
N ASP B 207 -32.72 -7.45 12.53
CA ASP B 207 -33.70 -6.53 13.10
C ASP B 207 -34.16 -5.51 12.05
N LEU B 208 -33.72 -5.74 10.81
CA LEU B 208 -34.16 -5.01 9.61
C LEU B 208 -33.44 -3.68 9.41
N THR B 209 -32.47 -3.37 10.29
CA THR B 209 -31.73 -2.11 10.18
C THR B 209 -30.32 -2.28 9.63
N ILE B 210 -29.80 -1.20 9.08
CA ILE B 210 -28.40 -1.10 8.69
C ILE B 210 -27.86 0.10 9.45
N LYS B 211 -26.70 -0.03 10.08
CA LYS B 211 -26.16 1.10 10.85
C LYS B 211 -24.76 1.49 10.39
N ILE B 212 -24.49 2.80 10.36
CA ILE B 212 -23.16 3.32 10.02
C ILE B 212 -22.45 3.76 11.29
N TRP B 213 -21.18 3.41 11.44
CA TRP B 213 -20.42 3.71 12.64
C TRP B 213 -19.12 4.46 12.36
N ASP B 214 -18.80 5.42 13.23
CA ASP B 214 -17.48 6.05 13.26
C ASP B 214 -16.65 5.23 14.23
N TYR B 215 -15.60 4.58 13.72
CA TYR B 215 -14.83 3.66 14.57
C TYR B 215 -13.83 4.36 15.47
N GLN B 216 -13.69 5.68 15.30
CA GLN B 216 -12.84 6.44 16.20
C GLN B 216 -13.60 6.89 17.45
N THR B 217 -14.84 7.31 17.30
CA THR B 217 -15.65 7.74 18.43
C THR B 217 -16.58 6.64 18.94
N LYS B 218 -16.74 5.60 18.12
CA LYS B 218 -17.64 4.48 18.40
C LYS B 218 -19.12 4.86 18.33
N SER B 219 -19.42 5.98 17.67
CA SER B 219 -20.79 6.48 17.59
C SER B 219 -21.53 6.00 16.34
N CYS B 220 -22.84 5.85 16.47
CA CYS B 220 -23.69 5.56 15.31
C CYS B 220 -23.98 6.84 14.54
N VAL B 221 -23.57 6.87 13.27
CA VAL B 221 -23.74 8.03 12.40
C VAL B 221 -25.14 8.09 11.81
N ALA B 222 -25.68 6.93 11.45
CA ALA B 222 -26.97 6.85 10.79
C ALA B 222 -27.55 5.46 10.90
N THR B 223 -28.88 5.38 10.79
CA THR B 223 -29.56 4.09 10.74
C THR B 223 -30.41 4.08 9.48
N LEU B 224 -30.18 3.08 8.62
CA LEU B 224 -30.87 2.99 7.35
C LEU B 224 -32.02 1.98 7.46
N GLU B 225 -33.24 2.46 7.23
CA GLU B 225 -34.43 1.61 7.31
C GLU B 225 -35.14 1.51 5.98
N GLY B 226 -35.71 0.35 5.71
CA GLY B 226 -36.50 0.17 4.49
C GLY B 226 -36.70 -1.29 4.13
N HIS B 227 -35.74 -2.13 4.49
CA HIS B 227 -35.86 -3.57 4.24
C HIS B 227 -36.96 -4.16 5.11
N MET B 228 -37.64 -5.19 4.60
CA MET B 228 -38.79 -5.75 5.29
C MET B 228 -38.54 -7.15 5.88
N SER B 229 -37.35 -7.70 5.62
CA SER B 229 -36.93 -8.97 6.21
C SER B 229 -35.43 -8.87 6.53
N ASN B 230 -34.88 -9.91 7.15
CA ASN B 230 -33.47 -9.92 7.54
C ASN B 230 -32.56 -9.27 6.52
N VAL B 231 -31.71 -8.35 6.96
CA VAL B 231 -30.74 -7.76 6.03
C VAL B 231 -29.49 -8.63 6.06
N SER B 232 -29.14 -9.19 4.90
CA SER B 232 -28.04 -10.16 4.83
C SER B 232 -26.68 -9.48 4.77
N PHE B 233 -26.62 -8.30 4.14
CA PHE B 233 -25.38 -7.57 3.99
C PHE B 233 -25.64 -6.11 3.69
N ALA B 234 -24.64 -5.27 3.96
CA ALA B 234 -24.63 -3.87 3.52
C ALA B 234 -23.18 -3.48 3.35
N VAL B 235 -22.85 -2.85 2.23
CA VAL B 235 -21.46 -2.49 1.95
C VAL B 235 -21.34 -1.11 1.35
N PHE B 236 -20.20 -0.46 1.57
CA PHE B 236 -19.88 0.77 0.87
C PHE B 236 -19.34 0.43 -0.52
N HIS B 237 -19.79 1.13 -1.54
CA HIS B 237 -19.17 0.94 -2.84
C HIS B 237 -17.79 1.60 -2.81
N PRO B 238 -16.78 0.96 -3.42
CA PRO B 238 -15.40 1.46 -3.35
C PRO B 238 -15.12 2.77 -4.09
N THR B 239 -15.92 3.12 -5.09
CA THR B 239 -15.69 4.33 -5.89
C THR B 239 -16.89 5.29 -5.98
N LEU B 240 -18.10 4.74 -5.91
CA LEU B 240 -19.32 5.54 -6.02
C LEU B 240 -19.85 5.90 -4.65
N PRO B 241 -20.50 7.08 -4.52
CA PRO B 241 -21.00 7.51 -3.21
C PRO B 241 -22.31 6.82 -2.87
N ILE B 242 -22.27 5.50 -2.80
CA ILE B 242 -23.46 4.71 -2.47
C ILE B 242 -23.15 3.57 -1.50
N ILE B 243 -24.19 3.12 -0.83
CA ILE B 243 -24.17 1.91 -0.01
C ILE B 243 -25.10 0.93 -0.70
N ILE B 244 -24.74 -0.36 -0.71
CA ILE B 244 -25.59 -1.37 -1.33
C ILE B 244 -25.93 -2.43 -0.29
N SER B 245 -27.21 -2.76 -0.18
CA SER B 245 -27.64 -3.79 0.77
C SER B 245 -28.54 -4.82 0.09
N GLY B 246 -28.72 -5.97 0.74
CA GLY B 246 -29.54 -7.04 0.21
C GLY B 246 -30.20 -7.76 1.36
N SER B 247 -31.36 -8.35 1.10
CA SER B 247 -32.20 -8.83 2.18
C SER B 247 -32.96 -10.09 1.79
N GLU B 248 -33.47 -10.80 2.79
CA GLU B 248 -34.34 -11.94 2.53
C GLU B 248 -35.70 -11.47 2.04
N ASP B 249 -35.91 -10.15 1.99
CA ASP B 249 -37.11 -9.64 1.34
C ASP B 249 -37.02 -9.70 -0.19
N GLY B 250 -35.87 -10.16 -0.68
CA GLY B 250 -35.65 -10.37 -2.10
C GLY B 250 -35.10 -9.17 -2.85
N THR B 251 -34.87 -8.07 -2.16
CA THR B 251 -34.43 -6.86 -2.84
C THR B 251 -32.98 -6.53 -2.58
N LEU B 252 -32.37 -5.82 -3.53
CA LEU B 252 -31.16 -5.06 -3.28
C LEU B 252 -31.56 -3.62 -3.18
N LYS B 253 -30.93 -2.87 -2.28
CA LYS B 253 -31.20 -1.45 -2.21
C LYS B 253 -29.91 -0.65 -2.38
N ILE B 254 -30.01 0.44 -3.14
CA ILE B 254 -28.90 1.35 -3.32
C ILE B 254 -29.22 2.61 -2.54
N TRP B 255 -28.34 3.00 -1.61
CA TRP B 255 -28.55 4.16 -0.77
C TRP B 255 -27.52 5.25 -1.05
N ASN B 256 -27.95 6.50 -1.04
CA ASN B 256 -27.04 7.63 -1.12
C ASN B 256 -26.17 7.68 0.14
N SER B 257 -24.85 7.68 -0.02
CA SER B 257 -23.96 7.59 1.14
C SER B 257 -23.76 8.93 1.85
N SER B 258 -24.32 10.00 1.30
CA SER B 258 -24.29 11.31 1.95
C SER B 258 -25.55 11.57 2.77
N THR B 259 -26.69 11.33 2.15
CA THR B 259 -27.98 11.63 2.78
C THR B 259 -28.53 10.41 3.50
N TYR B 260 -28.01 9.25 3.14
CA TYR B 260 -28.46 7.96 3.68
C TYR B 260 -29.90 7.62 3.28
N LYS B 261 -30.35 8.24 2.21
CA LYS B 261 -31.66 7.98 1.65
C LYS B 261 -31.59 6.92 0.55
N VAL B 262 -32.62 6.09 0.46
CA VAL B 262 -32.70 5.10 -0.60
C VAL B 262 -32.85 5.78 -1.97
N GLU B 263 -32.01 5.36 -2.90
CA GLU B 263 -32.04 5.84 -4.29
C GLU B 263 -32.82 4.88 -5.17
N LYS B 264 -32.58 3.58 -4.99
CA LYS B 264 -33.18 2.59 -5.87
C LYS B 264 -33.40 1.28 -5.12
N THR B 265 -34.56 0.67 -5.36
CA THR B 265 -34.83 -0.69 -4.87
C THR B 265 -35.01 -1.62 -6.06
N LEU B 266 -34.30 -2.75 -6.04
CA LEU B 266 -34.37 -3.70 -7.15
C LEU B 266 -34.85 -5.07 -6.67
N ASN B 267 -35.91 -5.60 -7.25
CA ASN B 267 -36.15 -7.03 -7.04
C ASN B 267 -35.73 -7.79 -8.27
N VAL B 268 -34.59 -8.48 -8.19
CA VAL B 268 -34.05 -9.13 -9.38
C VAL B 268 -34.74 -10.46 -9.67
N GLY B 269 -35.63 -10.88 -8.78
CA GLY B 269 -36.49 -12.03 -9.02
C GLY B 269 -35.84 -13.38 -8.79
N LEU B 270 -34.89 -13.43 -7.88
CA LEU B 270 -34.20 -14.67 -7.53
C LEU B 270 -34.47 -15.08 -6.09
N GLU B 271 -35.54 -14.53 -5.50
CA GLU B 271 -35.90 -14.75 -4.10
C GLU B 271 -34.85 -14.18 -3.12
N ARG B 272 -34.61 -14.85 -2.00
CA ARG B 272 -33.83 -14.22 -0.93
C ARG B 272 -32.37 -13.91 -1.30
N SER B 273 -31.90 -12.72 -0.91
CA SER B 273 -30.50 -12.30 -1.18
C SER B 273 -29.60 -12.65 0.01
N TRP B 274 -28.41 -13.22 -0.28
CA TRP B 274 -27.53 -13.72 0.76
C TRP B 274 -26.14 -13.07 0.81
N CYS B 275 -25.61 -12.67 -0.33
CA CYS B 275 -24.22 -12.23 -0.35
C CYS B 275 -23.94 -11.18 -1.42
N ILE B 276 -22.80 -10.52 -1.32
CA ILE B 276 -22.46 -9.37 -2.15
C ILE B 276 -20.96 -9.32 -2.44
N ALA B 277 -20.61 -8.80 -3.61
CA ALA B 277 -19.23 -8.49 -3.93
C ALA B 277 -19.24 -7.22 -4.77
N THR B 278 -18.21 -6.40 -4.62
CA THR B 278 -18.02 -5.25 -5.50
C THR B 278 -16.66 -5.42 -6.18
N HIS B 279 -16.56 -4.99 -7.43
CA HIS B 279 -15.28 -5.15 -8.13
C HIS B 279 -14.21 -4.30 -7.44
N PRO B 280 -13.07 -4.91 -7.11
CA PRO B 280 -12.00 -4.28 -6.32
C PRO B 280 -11.62 -2.89 -6.81
N THR B 281 -11.54 -2.71 -8.13
CA THR B 281 -11.12 -1.45 -8.70
C THR B 281 -12.25 -0.68 -9.39
N GLY B 282 -13.48 -1.14 -9.18
CA GLY B 282 -14.66 -0.45 -9.70
C GLY B 282 -14.81 -0.52 -11.20
N ARG B 283 -14.24 -1.56 -11.82
CA ARG B 283 -14.38 -1.73 -13.25
C ARG B 283 -15.84 -1.80 -13.65
N LYS B 284 -16.25 -0.90 -14.53
CA LYS B 284 -17.63 -0.81 -15.00
C LYS B 284 -18.64 -0.67 -13.86
N ASN B 285 -18.14 -0.25 -12.70
CA ASN B 285 -18.95 -0.17 -11.49
C ASN B 285 -19.69 -1.47 -11.18
N TYR B 286 -19.05 -2.59 -11.50
CA TYR B 286 -19.64 -3.91 -11.30
C TYR B 286 -19.92 -4.23 -9.84
N ILE B 287 -21.10 -4.80 -9.59
CA ILE B 287 -21.39 -5.47 -8.32
C ILE B 287 -22.01 -6.82 -8.64
N ALA B 288 -22.01 -7.73 -7.68
CA ALA B 288 -22.63 -9.03 -7.90
C ALA B 288 -23.26 -9.49 -6.60
N SER B 289 -24.41 -10.14 -6.71
CA SER B 289 -25.06 -10.64 -5.51
C SER B 289 -25.58 -12.05 -5.72
N GLY B 290 -25.55 -12.86 -4.67
CA GLY B 290 -26.05 -14.23 -4.72
C GLY B 290 -27.35 -14.39 -3.97
N PHE B 291 -28.21 -15.26 -4.50
CA PHE B 291 -29.59 -15.41 -4.04
C PHE B 291 -30.00 -16.88 -3.94
N ASP B 292 -31.19 -17.14 -3.40
CA ASP B 292 -31.79 -18.47 -3.41
C ASP B 292 -31.70 -19.19 -4.76
N ASN B 293 -31.96 -18.46 -5.84
CA ASN B 293 -32.09 -19.13 -7.13
C ASN B 293 -31.02 -18.80 -8.17
N GLY B 294 -29.92 -18.18 -7.74
CA GLY B 294 -28.82 -17.90 -8.66
C GLY B 294 -28.12 -16.60 -8.30
N PHE B 295 -27.43 -16.00 -9.27
CA PHE B 295 -26.69 -14.77 -8.99
C PHE B 295 -26.95 -13.75 -10.09
N THR B 296 -26.57 -12.52 -9.84
CA THR B 296 -26.59 -11.52 -10.90
C THR B 296 -25.37 -10.62 -10.79
N VAL B 297 -24.84 -10.22 -11.94
CA VAL B 297 -23.74 -9.28 -12.02
C VAL B 297 -24.30 -8.04 -12.72
N LEU B 298 -24.19 -6.90 -12.05
CA LEU B 298 -24.79 -5.67 -12.53
C LEU B 298 -23.73 -4.60 -12.71
N SER B 299 -23.84 -3.82 -13.78
CA SER B 299 -23.07 -2.59 -13.90
C SER B 299 -23.95 -1.42 -13.48
N LEU B 300 -23.48 -0.61 -12.53
CA LEU B 300 -24.33 0.43 -11.93
C LEU B 300 -24.41 1.71 -12.76
N GLY B 301 -23.49 1.87 -13.71
CA GLY B 301 -23.49 3.04 -14.56
C GLY B 301 -22.13 3.20 -15.21
N LYS C 1 -30.61 -24.59 14.73
CA LYS C 1 -29.50 -23.64 14.60
C LYS C 1 -29.96 -22.38 13.87
N PRO C 2 -29.63 -21.21 14.41
CA PRO C 2 -29.96 -19.96 13.72
C PRO C 2 -29.25 -19.87 12.37
N HIS C 3 -29.90 -19.24 11.40
CA HIS C 3 -29.32 -19.02 10.10
C HIS C 3 -28.80 -20.28 9.47
N SER C 4 -29.61 -21.33 9.48
CA SER C 4 -29.21 -22.59 8.87
C SER C 4 -29.38 -22.54 7.34
N ASP C 5 -30.28 -21.68 6.87
CA ASP C 5 -30.46 -21.51 5.43
C ASP C 5 -29.29 -20.76 4.81
N LYS D 1 40.13 10.37 -6.10
CA LYS D 1 38.80 9.77 -6.10
C LYS D 1 37.78 10.72 -6.72
N PRO D 2 37.00 10.22 -7.69
CA PRO D 2 35.94 11.04 -8.29
C PRO D 2 34.91 11.44 -7.25
N HIS D 3 34.34 12.63 -7.41
CA HIS D 3 33.30 13.11 -6.53
C HIS D 3 33.69 13.06 -5.09
N SER D 4 34.87 13.57 -4.78
CA SER D 4 35.36 13.62 -3.41
C SER D 4 34.67 14.71 -2.60
N ASP D 5 34.26 15.77 -3.26
CA ASP D 5 33.57 16.88 -2.60
C ASP D 5 32.15 16.50 -2.22
#